data_6PUW
#
_entry.id   6PUW
#
_cell.length_a   1.00
_cell.length_b   1.00
_cell.length_c   1.00
_cell.angle_alpha   90.00
_cell.angle_beta   90.00
_cell.angle_gamma   90.00
#
_symmetry.space_group_name_H-M   'P 1'
#
loop_
_entity.id
_entity.type
_entity.pdbx_description
1 polymer 'Chimeric Sso7d and HIV-1 integrase'
2 polymer 'viral DNA non-transferred strand'
3 polymer 'viral DNA transferred strand'
4 non-polymer 'MAGNESIUM ION'
5 non-polymer 'ZINC ION'
6 non-polymer Bictegravir
7 water water
#
loop_
_entity_poly.entity_id
_entity_poly.type
_entity_poly.pdbx_seq_one_letter_code
_entity_poly.pdbx_strand_id
1 'polypeptide(L)'
;MGSSHHHHHHSSGLVPRGSHMATVKFKYKGEEKEVDISKIKKVWRVGKMISFTYDEGGGKTGRGAVSEKDAPKELLQMLE
KQKKGGGGGGGGGGGFLDGIDKAQEEHEKYHSNWRAMASDFNLPPVVAKEIVASCDKCQLKGEAMHGQVDCSPGIWQLDC
THLEGKVILVAVHVASGYIEAEVIPAETGQETAYFLLKLAGRWPVKTVHTDNGSNFTSTTVKAACWWAGIKQEFGIPYNP
QSQGVIESMNKELKKIIGQVRDQAEHLKTAVQMAVFIHNFKRKGGIGGYSAGERIVDIIATDIQTKELQKQITKIQNFRV
YYRDSRDPVWKGPAKLLWKGEGAVVIQDNSDIKVVPRRKAKIIRDYGKQMAGDDCVASRQDED
;
A,B,C,D
2 'polydeoxyribonucleotide'
;(DA)(DC)(DT)(DG)(DC)(DT)(DA)(DG)(DA)(DG)(DA)(DT)(DT)(DT)(DT)(DC)(DC)(DC)(DG)(DC)
(DC)(DC)(DA)(DC)(DG)(DC)(DT)
;
E
3 'polydeoxyribonucleotide'
;(DA)(DG)(DC)(DG)(DT)(DG)(DG)(DG)(DC)(DG)(DG)(DG)(DA)(DA)(DA)(DA)(DT)(DC)(DT)(DC)
(DT)(DA)(DG)(DC)(DA)
;
F
#
# COMPACT_ATOMS: atom_id res chain seq x y z
N PHE A 96 -29.60 -22.58 -48.22
CA PHE A 96 -30.40 -22.65 -47.00
C PHE A 96 -30.87 -21.27 -46.55
N LEU A 97 -30.74 -20.28 -47.44
CA LEU A 97 -31.04 -18.90 -47.06
C LEU A 97 -32.53 -18.69 -46.83
N ASP A 98 -33.37 -19.61 -47.32
CA ASP A 98 -34.78 -19.57 -46.92
C ASP A 98 -34.95 -20.04 -45.49
N GLY A 99 -34.11 -20.99 -45.06
CA GLY A 99 -34.04 -21.32 -43.65
C GLY A 99 -33.66 -20.13 -42.80
N ILE A 100 -32.83 -19.23 -43.35
CA ILE A 100 -32.48 -18.01 -42.63
C ILE A 100 -33.72 -17.14 -42.42
N ASP A 101 -34.56 -17.02 -43.44
CA ASP A 101 -35.79 -16.23 -43.29
C ASP A 101 -36.73 -16.87 -42.29
N LYS A 102 -36.89 -18.20 -42.36
CA LYS A 102 -37.75 -18.87 -41.40
C LYS A 102 -37.22 -18.71 -39.97
N ALA A 103 -35.90 -18.79 -39.80
CA ALA A 103 -35.31 -18.63 -38.48
C ALA A 103 -35.47 -17.20 -37.97
N GLN A 104 -35.33 -16.22 -38.85
CA GLN A 104 -35.61 -14.84 -38.47
C GLN A 104 -37.05 -14.70 -37.97
N GLU A 105 -38.01 -15.22 -38.75
CA GLU A 105 -39.40 -15.03 -38.40
C GLU A 105 -39.78 -15.81 -37.14
N GLU A 106 -39.05 -16.88 -36.83
CA GLU A 106 -39.35 -17.64 -35.62
C GLU A 106 -38.62 -17.08 -34.41
N HIS A 107 -37.46 -16.45 -34.61
CA HIS A 107 -36.79 -15.77 -33.51
C HIS A 107 -37.51 -14.49 -33.12
N GLU A 108 -38.18 -13.85 -34.08
CA GLU A 108 -39.04 -12.73 -33.73
C GLU A 108 -40.15 -13.13 -32.77
N LYS A 109 -40.46 -14.43 -32.67
CA LYS A 109 -41.49 -14.93 -31.77
C LYS A 109 -40.91 -15.51 -30.50
N TYR A 110 -40.02 -16.50 -30.60
CA TYR A 110 -39.59 -17.27 -29.45
C TYR A 110 -38.27 -16.82 -28.87
N HIS A 111 -37.49 -16.02 -29.58
CA HIS A 111 -36.19 -15.57 -29.14
C HIS A 111 -35.30 -16.76 -28.76
N SER A 112 -35.35 -17.78 -29.61
CA SER A 112 -34.54 -18.97 -29.38
C SER A 112 -33.07 -18.66 -29.59
N ASN A 113 -32.23 -19.37 -28.85
CA ASN A 113 -30.79 -19.13 -28.93
C ASN A 113 -30.25 -19.67 -30.25
N TRP A 114 -28.94 -19.49 -30.45
CA TRP A 114 -28.35 -19.83 -31.74
C TRP A 114 -28.33 -21.34 -31.96
N ARG A 115 -28.20 -22.13 -30.91
CA ARG A 115 -28.13 -23.57 -31.09
C ARG A 115 -29.48 -24.15 -31.51
N ALA A 116 -30.56 -23.64 -30.94
CA ALA A 116 -31.89 -24.10 -31.32
C ALA A 116 -32.19 -23.77 -32.78
N MET A 117 -31.80 -22.57 -33.21
CA MET A 117 -32.04 -22.17 -34.60
C MET A 117 -31.11 -22.89 -35.56
N ALA A 118 -29.92 -23.26 -35.09
CA ALA A 118 -29.02 -24.02 -35.95
C ALA A 118 -29.47 -25.46 -36.10
N SER A 119 -30.07 -26.03 -35.05
CA SER A 119 -30.56 -27.39 -35.13
C SER A 119 -31.86 -27.47 -35.92
N ASP A 120 -32.81 -26.58 -35.62
CA ASP A 120 -34.14 -26.65 -36.22
C ASP A 120 -34.19 -26.26 -37.68
N PHE A 121 -33.34 -25.33 -38.12
CA PHE A 121 -33.41 -24.82 -39.49
C PHE A 121 -32.15 -25.11 -40.30
N ASN A 122 -31.30 -26.03 -39.85
CA ASN A 122 -30.11 -26.45 -40.58
C ASN A 122 -29.25 -25.24 -40.96
N LEU A 123 -28.96 -24.42 -39.97
CA LEU A 123 -28.15 -23.24 -40.17
C LEU A 123 -26.75 -23.45 -39.61
N PRO A 124 -25.71 -22.99 -40.30
CA PRO A 124 -24.38 -23.01 -39.71
C PRO A 124 -24.34 -22.15 -38.47
N PRO A 125 -23.49 -22.49 -37.50
CA PRO A 125 -23.46 -21.73 -36.24
C PRO A 125 -23.25 -20.24 -36.42
N VAL A 126 -22.51 -19.82 -37.45
CA VAL A 126 -22.28 -18.39 -37.67
C VAL A 126 -23.58 -17.68 -38.00
N VAL A 127 -24.40 -18.26 -38.86
CA VAL A 127 -25.63 -17.62 -39.29
C VAL A 127 -26.61 -17.50 -38.13
N ALA A 128 -26.76 -18.56 -37.36
CA ALA A 128 -27.66 -18.52 -36.20
C ALA A 128 -27.16 -17.55 -35.15
N LYS A 129 -25.84 -17.53 -34.90
CA LYS A 129 -25.29 -16.59 -33.93
C LYS A 129 -25.51 -15.16 -34.39
N GLU A 130 -25.46 -14.91 -35.69
CA GLU A 130 -25.70 -13.56 -36.19
C GLU A 130 -27.18 -13.20 -36.10
N ILE A 131 -28.07 -14.17 -36.27
CA ILE A 131 -29.49 -13.91 -36.11
C ILE A 131 -29.79 -13.55 -34.66
N VAL A 132 -29.13 -14.21 -33.71
CA VAL A 132 -29.32 -13.87 -32.30
C VAL A 132 -28.69 -12.51 -32.00
N ALA A 133 -27.50 -12.26 -32.53
CA ALA A 133 -26.78 -11.02 -32.23
C ALA A 133 -27.43 -9.79 -32.84
N SER A 134 -28.38 -9.95 -33.75
CA SER A 134 -29.07 -8.82 -34.34
C SER A 134 -30.36 -8.47 -33.61
N CYS A 135 -30.76 -9.27 -32.62
CA CYS A 135 -31.95 -9.01 -31.83
C CYS A 135 -31.55 -8.24 -30.58
N ASP A 136 -32.16 -7.07 -30.39
CA ASP A 136 -31.83 -6.26 -29.21
C ASP A 136 -32.31 -6.93 -27.93
N LYS A 137 -33.42 -7.67 -27.98
CA LYS A 137 -34.00 -8.27 -26.79
C LYS A 137 -33.16 -9.41 -26.23
N CYS A 138 -32.21 -9.94 -27.00
CA CYS A 138 -31.44 -11.11 -26.58
C CYS A 138 -30.07 -10.73 -26.00
N GLN A 139 -29.74 -9.44 -25.96
CA GLN A 139 -28.48 -8.98 -25.38
C GLN A 139 -28.74 -8.68 -23.91
N LEU A 140 -28.58 -9.69 -23.07
CA LEU A 140 -28.92 -9.58 -21.65
C LEU A 140 -27.83 -10.12 -20.73
N LYS A 141 -26.64 -10.38 -21.26
CA LYS A 141 -25.54 -10.91 -20.46
C LYS A 141 -24.26 -10.19 -20.83
N GLY A 142 -23.49 -9.81 -19.80
CA GLY A 142 -22.24 -9.11 -20.01
C GLY A 142 -21.06 -10.06 -20.07
N GLU A 143 -19.88 -9.47 -20.26
CA GLU A 143 -18.65 -10.24 -20.33
C GLU A 143 -18.37 -10.93 -19.01
N ALA A 144 -17.96 -12.20 -19.08
CA ALA A 144 -17.68 -12.98 -17.88
C ALA A 144 -16.21 -12.83 -17.52
N MET A 145 -15.88 -11.65 -17.01
CA MET A 145 -14.53 -11.33 -16.57
C MET A 145 -14.62 -10.43 -15.35
N HIS A 146 -13.46 -9.96 -14.90
CA HIS A 146 -13.37 -8.99 -13.83
C HIS A 146 -12.21 -8.05 -14.11
N GLY A 147 -12.38 -6.79 -13.74
CA GLY A 147 -11.29 -5.83 -13.84
C GLY A 147 -10.26 -6.06 -12.77
N GLN A 148 -9.34 -5.09 -12.66
CA GLN A 148 -8.27 -5.15 -11.67
C GLN A 148 -8.05 -3.75 -11.14
N VAL A 149 -8.30 -3.55 -9.84
CA VAL A 149 -8.19 -2.23 -9.25
C VAL A 149 -6.76 -1.72 -9.33
N ASP A 150 -6.61 -0.41 -9.26
CA ASP A 150 -5.30 0.21 -9.24
C ASP A 150 -4.66 -0.02 -7.88
N CYS A 151 -3.46 -0.60 -7.87
CA CYS A 151 -2.73 -0.90 -6.65
C CYS A 151 -1.37 -0.22 -6.62
N SER A 152 -1.33 1.03 -7.06
CA SER A 152 -0.11 1.82 -6.95
C SER A 152 0.22 2.06 -5.47
N PRO A 153 1.47 2.37 -5.16
CA PRO A 153 1.84 2.57 -3.75
C PRO A 153 1.32 3.87 -3.16
N GLY A 154 0.63 4.70 -3.93
CA GLY A 154 0.17 5.96 -3.41
C GLY A 154 -1.34 6.10 -3.39
N ILE A 155 -2.04 5.05 -3.79
CA ILE A 155 -3.50 5.07 -3.88
C ILE A 155 -4.09 4.43 -2.63
N TRP A 156 -5.12 5.06 -2.08
CA TRP A 156 -5.88 4.56 -0.96
C TRP A 156 -7.33 4.40 -1.38
N GLN A 157 -8.07 3.57 -0.65
CA GLN A 157 -9.49 3.37 -0.90
C GLN A 157 -10.25 3.61 0.39
N LEU A 158 -11.27 4.47 0.32
CA LEU A 158 -12.03 4.87 1.50
C LEU A 158 -13.48 4.44 1.35
N ASP A 159 -14.10 4.09 2.47
CA ASP A 159 -15.51 3.70 2.47
C ASP A 159 -16.07 3.85 3.87
N CYS A 160 -17.34 4.25 3.93
CA CYS A 160 -18.07 4.32 5.19
C CYS A 160 -18.84 3.01 5.36
N THR A 161 -18.62 2.35 6.49
CA THR A 161 -19.43 1.20 6.88
C THR A 161 -20.23 1.56 8.13
N HIS A 162 -21.17 0.68 8.48
CA HIS A 162 -22.04 0.93 9.61
C HIS A 162 -21.99 -0.26 10.56
N LEU A 163 -21.93 0.04 11.86
CA LEU A 163 -21.91 -1.00 12.87
C LEU A 163 -22.54 -0.45 14.15
N GLU A 164 -23.51 -1.20 14.68
CA GLU A 164 -24.17 -0.84 15.94
C GLU A 164 -24.79 0.56 15.86
N GLY A 165 -25.31 0.91 14.69
CA GLY A 165 -25.91 2.21 14.51
C GLY A 165 -24.92 3.36 14.45
N LYS A 166 -23.65 3.09 14.28
CA LYS A 166 -22.63 4.12 14.19
C LYS A 166 -21.88 4.01 12.87
N VAL A 167 -21.30 5.11 12.44
CA VAL A 167 -20.61 5.19 11.16
C VAL A 167 -19.11 5.05 11.39
N ILE A 168 -18.49 4.13 10.65
CA ILE A 168 -17.06 3.88 10.72
C ILE A 168 -16.48 4.21 9.35
N LEU A 169 -15.70 5.28 9.27
CA LEU A 169 -15.00 5.63 8.05
C LEU A 169 -13.67 4.89 8.03
N VAL A 170 -13.46 4.06 7.01
CA VAL A 170 -12.31 3.19 6.89
C VAL A 170 -11.54 3.57 5.65
N ALA A 171 -10.22 3.50 5.73
CA ALA A 171 -9.35 3.68 4.59
C ALA A 171 -8.35 2.53 4.55
N VAL A 172 -7.99 2.11 3.35
CA VAL A 172 -7.04 1.02 3.16
C VAL A 172 -5.98 1.46 2.16
N HIS A 173 -4.75 1.01 2.39
CA HIS A 173 -3.68 1.15 1.42
C HIS A 173 -3.74 -0.04 0.48
N VAL A 174 -4.14 0.22 -0.77
CA VAL A 174 -4.47 -0.87 -1.70
C VAL A 174 -3.28 -1.78 -1.93
N ALA A 175 -2.06 -1.23 -1.85
CA ALA A 175 -0.87 -2.02 -2.14
C ALA A 175 -0.42 -2.86 -0.96
N SER A 176 -0.89 -2.59 0.25
CA SER A 176 -0.40 -3.27 1.44
C SER A 176 -1.48 -3.81 2.35
N GLY A 177 -2.68 -3.27 2.30
CA GLY A 177 -3.73 -3.67 3.20
C GLY A 177 -3.72 -2.96 4.54
N TYR A 178 -2.89 -1.93 4.68
CA TYR A 178 -2.83 -1.15 5.91
C TYR A 178 -4.09 -0.32 6.05
N ILE A 179 -4.82 -0.48 7.15
CA ILE A 179 -6.11 0.16 7.33
C ILE A 179 -6.01 1.23 8.39
N GLU A 180 -6.86 2.24 8.25
CA GLU A 180 -7.06 3.29 9.24
C GLU A 180 -8.55 3.52 9.35
N ALA A 181 -9.13 3.25 10.51
CA ALA A 181 -10.56 3.36 10.70
C ALA A 181 -10.87 4.28 11.86
N GLU A 182 -11.98 5.01 11.74
CA GLU A 182 -12.40 5.94 12.78
C GLU A 182 -13.92 5.93 12.87
N VAL A 183 -14.43 5.89 14.09
CA VAL A 183 -15.86 6.05 14.31
C VAL A 183 -16.16 7.55 14.25
N ILE A 184 -16.93 7.96 13.25
CA ILE A 184 -17.22 9.38 13.03
C ILE A 184 -18.61 9.68 13.55
N PRO A 185 -18.87 10.89 14.05
CA PRO A 185 -20.20 11.19 14.60
C PRO A 185 -21.29 11.21 13.55
N ALA A 186 -20.95 11.53 12.30
CA ALA A 186 -21.92 11.54 11.22
C ALA A 186 -21.22 11.22 9.92
N GLU A 187 -22.00 10.87 8.91
CA GLU A 187 -21.47 10.56 7.58
C GLU A 187 -21.34 11.80 6.72
N THR A 188 -21.20 12.97 7.32
CA THR A 188 -21.07 14.22 6.59
C THR A 188 -19.70 14.30 5.92
N GLY A 189 -19.63 15.04 4.82
CA GLY A 189 -18.36 15.28 4.16
C GLY A 189 -17.42 16.14 4.98
N GLN A 190 -17.94 16.91 5.93
CA GLN A 190 -17.07 17.75 6.76
C GLN A 190 -16.24 16.90 7.72
N GLU A 191 -16.73 15.72 8.09
CA GLU A 191 -15.97 14.77 8.87
C GLU A 191 -15.04 13.92 8.00
N THR A 192 -15.48 13.58 6.79
CA THR A 192 -14.62 12.85 5.86
C THR A 192 -13.41 13.67 5.46
N ALA A 193 -13.59 14.98 5.27
CA ALA A 193 -12.46 15.85 4.95
C ALA A 193 -11.46 15.87 6.09
N TYR A 194 -11.93 15.89 7.33
CA TYR A 194 -11.03 15.86 8.48
C TYR A 194 -10.27 14.54 8.53
N PHE A 195 -10.99 13.42 8.42
CA PHE A 195 -10.34 12.11 8.42
C PHE A 195 -9.29 12.02 7.31
N LEU A 196 -9.62 12.54 6.12
CA LEU A 196 -8.73 12.39 4.98
C LEU A 196 -7.53 13.30 5.09
N LEU A 197 -7.71 14.52 5.60
CA LEU A 197 -6.57 15.40 5.84
C LEU A 197 -5.65 14.83 6.90
N LYS A 198 -6.22 14.24 7.95
CA LYS A 198 -5.41 13.58 8.97
C LYS A 198 -4.61 12.43 8.36
N LEU A 199 -5.27 11.58 7.57
CA LEU A 199 -4.57 10.46 6.94
C LEU A 199 -3.45 10.96 6.02
N ALA A 200 -3.74 11.95 5.19
CA ALA A 200 -2.72 12.49 4.29
C ALA A 200 -1.56 13.10 5.06
N GLY A 201 -1.83 13.62 6.26
CA GLY A 201 -0.74 14.08 7.11
C GLY A 201 0.07 12.95 7.70
N ARG A 202 -0.56 11.79 7.92
CA ARG A 202 0.16 10.67 8.53
C ARG A 202 0.99 9.90 7.51
N TRP A 203 0.42 9.64 6.34
CA TRP A 203 1.04 8.81 5.32
C TRP A 203 1.09 9.55 3.98
N PRO A 204 1.97 9.14 3.07
CA PRO A 204 2.02 9.81 1.75
C PRO A 204 0.90 9.38 0.81
N VAL A 205 -0.24 10.04 0.96
CA VAL A 205 -1.42 9.72 0.15
C VAL A 205 -1.36 10.52 -1.15
N LYS A 206 -1.27 9.81 -2.27
CA LYS A 206 -1.26 10.42 -3.59
C LYS A 206 -2.59 10.37 -4.30
N THR A 207 -3.43 9.38 -4.00
CA THR A 207 -4.70 9.20 -4.67
C THR A 207 -5.66 8.49 -3.73
N VAL A 208 -6.90 8.95 -3.69
CA VAL A 208 -7.96 8.30 -2.94
C VAL A 208 -9.03 7.84 -3.92
N HIS A 209 -9.43 6.57 -3.82
CA HIS A 209 -10.46 6.00 -4.66
C HIS A 209 -11.65 5.67 -3.77
N THR A 210 -12.79 6.30 -4.06
CA THR A 210 -13.98 6.16 -3.24
C THR A 210 -15.17 5.82 -4.13
N ASP A 211 -16.26 5.42 -3.49
CA ASP A 211 -17.52 5.31 -4.20
C ASP A 211 -18.12 6.70 -4.34
N ASN A 212 -19.40 6.79 -4.81
CA ASN A 212 -20.09 8.05 -5.05
C ASN A 212 -21.03 8.40 -3.92
N GLY A 213 -20.63 8.05 -2.70
CA GLY A 213 -21.32 8.52 -1.47
C GLY A 213 -21.23 10.02 -1.35
N SER A 214 -22.27 10.66 -0.81
CA SER A 214 -22.30 12.14 -0.69
C SER A 214 -21.12 12.61 0.16
N ASN A 215 -20.75 11.82 1.18
CA ASN A 215 -19.59 12.17 2.05
C ASN A 215 -18.39 12.47 1.16
N PHE A 216 -18.02 11.55 0.28
CA PHE A 216 -16.81 11.70 -0.58
C PHE A 216 -17.05 12.63 -1.76
N THR A 217 -18.31 12.81 -2.19
CA THR A 217 -18.56 13.62 -3.42
C THR A 217 -18.65 15.12 -3.12
N SER A 218 -18.62 15.50 -1.84
CA SER A 218 -18.83 16.88 -1.43
C SER A 218 -17.73 17.87 -1.78
N THR A 219 -18.07 19.16 -1.66
CA THR A 219 -17.08 20.21 -1.89
C THR A 219 -16.07 20.31 -0.76
N THR A 220 -16.42 19.81 0.43
CA THR A 220 -15.51 19.87 1.56
C THR A 220 -14.36 18.90 1.40
N VAL A 221 -14.65 17.66 1.01
CA VAL A 221 -13.60 16.68 0.73
C VAL A 221 -12.84 17.06 -0.53
N LYS A 222 -13.50 17.73 -1.48
CA LYS A 222 -12.81 18.21 -2.67
C LYS A 222 -11.79 19.29 -2.33
N ALA A 223 -12.00 20.16 -1.44
CA ALA A 223 -11.06 21.19 -1.01
C ALA A 223 -9.93 20.61 -0.17
N ALA A 224 -10.25 19.64 0.70
CA ALA A 224 -9.20 18.99 1.48
C ALA A 224 -8.21 18.26 0.57
N CYS A 225 -8.71 17.56 -0.45
CA CYS A 225 -7.83 16.86 -1.37
C CYS A 225 -7.00 17.84 -2.19
N TRP A 226 -7.59 18.97 -2.58
CA TRP A 226 -6.83 19.96 -3.33
C TRP A 226 -5.73 20.56 -2.47
N TRP A 227 -6.00 20.79 -1.19
CA TRP A 227 -4.98 21.32 -0.30
C TRP A 227 -3.86 20.30 -0.09
N ALA A 228 -4.21 19.10 0.38
CA ALA A 228 -3.20 18.07 0.63
C ALA A 228 -2.58 17.52 -0.64
N GLY A 229 -3.08 17.91 -1.81
CA GLY A 229 -2.49 17.46 -3.05
C GLY A 229 -2.89 16.07 -3.47
N ILE A 230 -4.07 15.61 -3.04
CA ILE A 230 -4.53 14.26 -3.35
C ILE A 230 -5.37 14.31 -4.60
N LYS A 231 -5.36 13.22 -5.36
CA LYS A 231 -6.21 13.06 -6.53
C LYS A 231 -7.43 12.23 -6.16
N GLN A 232 -8.60 12.71 -6.56
CA GLN A 232 -9.87 12.07 -6.25
C GLN A 232 -10.30 11.21 -7.42
N GLU A 233 -10.47 9.92 -7.16
CA GLU A 233 -11.00 8.98 -8.14
C GLU A 233 -12.28 8.35 -7.61
N PHE A 234 -13.30 8.31 -8.45
CA PHE A 234 -14.59 7.75 -8.07
C PHE A 234 -14.89 6.54 -8.94
N GLY A 235 -15.43 5.51 -8.32
CA GLY A 235 -15.78 4.32 -9.05
C GLY A 235 -17.02 4.50 -9.90
N ILE A 236 -17.34 3.48 -10.67
CA ILE A 236 -18.59 3.49 -11.42
C ILE A 236 -19.74 3.58 -10.44
N PRO A 237 -20.75 4.43 -10.66
CA PRO A 237 -21.87 4.50 -9.73
C PRO A 237 -22.55 3.14 -9.56
N TYR A 238 -22.73 2.75 -8.31
CA TYR A 238 -23.40 1.49 -7.95
C TYR A 238 -22.64 0.28 -8.46
N ASN A 239 -21.31 0.38 -8.47
CA ASN A 239 -20.42 -0.74 -8.81
C ASN A 239 -19.40 -0.84 -7.69
N PRO A 240 -19.73 -1.52 -6.59
CA PRO A 240 -18.80 -1.58 -5.46
C PRO A 240 -17.57 -2.42 -5.72
N GLN A 241 -17.57 -3.23 -6.78
CA GLN A 241 -16.38 -4.02 -7.12
C GLN A 241 -15.20 -3.11 -7.45
N SER A 242 -15.47 -1.90 -7.93
CA SER A 242 -14.40 -0.93 -8.17
C SER A 242 -13.64 -0.63 -6.90
N GLN A 243 -14.29 -0.74 -5.74
CA GLN A 243 -13.65 -0.57 -4.45
C GLN A 243 -13.44 -1.89 -3.74
N GLY A 244 -13.30 -2.98 -4.50
CA GLY A 244 -13.29 -4.31 -3.94
C GLY A 244 -12.33 -4.48 -2.78
N VAL A 245 -11.22 -3.75 -2.79
CA VAL A 245 -10.27 -3.83 -1.68
C VAL A 245 -10.93 -3.36 -0.40
N ILE A 246 -11.34 -2.08 -0.35
CA ILE A 246 -11.80 -1.51 0.91
C ILE A 246 -13.03 -2.23 1.40
N GLU A 247 -13.96 -2.51 0.50
CA GLU A 247 -15.15 -3.28 0.88
C GLU A 247 -14.75 -4.59 1.54
N SER A 248 -13.83 -5.32 0.92
CA SER A 248 -13.34 -6.54 1.54
C SER A 248 -12.82 -6.26 2.94
N MET A 249 -11.97 -5.22 3.07
CA MET A 249 -11.43 -4.87 4.37
C MET A 249 -12.54 -4.58 5.36
N ASN A 250 -13.61 -3.91 4.90
CA ASN A 250 -14.79 -3.69 5.72
C ASN A 250 -15.16 -4.97 6.44
N LYS A 251 -15.43 -6.02 5.65
CA LYS A 251 -15.73 -7.33 6.21
C LYS A 251 -14.72 -7.69 7.30
N GLU A 252 -13.44 -7.77 6.92
CA GLU A 252 -12.42 -8.19 7.87
C GLU A 252 -12.45 -7.31 9.11
N LEU A 253 -12.55 -5.99 8.90
CA LEU A 253 -12.61 -5.09 10.04
C LEU A 253 -13.74 -5.50 10.98
N LYS A 254 -14.95 -5.59 10.44
CA LYS A 254 -16.09 -6.00 11.25
C LYS A 254 -15.80 -7.32 11.93
N LYS A 255 -15.22 -8.28 11.19
CA LYS A 255 -14.89 -9.57 11.75
C LYS A 255 -14.05 -9.40 13.01
N ILE A 256 -12.95 -8.64 12.89
CA ILE A 256 -12.06 -8.48 14.03
C ILE A 256 -12.79 -7.79 15.18
N ILE A 257 -13.69 -6.86 14.85
CA ILE A 257 -14.44 -6.18 15.90
C ILE A 257 -15.26 -7.20 16.68
N GLY A 258 -15.88 -8.15 15.98
CA GLY A 258 -16.65 -9.18 16.66
C GLY A 258 -15.82 -10.04 17.58
N GLN A 259 -14.49 -10.05 17.39
CA GLN A 259 -13.62 -10.82 18.27
C GLN A 259 -13.12 -10.01 19.45
N VAL A 260 -13.27 -8.68 19.41
CA VAL A 260 -12.77 -7.82 20.48
C VAL A 260 -13.86 -6.90 21.02
N ARG A 261 -15.12 -7.13 20.65
CA ARG A 261 -16.17 -6.23 21.06
C ARG A 261 -16.37 -6.25 22.57
N ASP A 262 -16.10 -7.37 23.22
CA ASP A 262 -16.29 -7.48 24.67
C ASP A 262 -15.06 -7.04 25.47
N GLN A 263 -13.93 -6.79 24.81
CA GLN A 263 -12.78 -6.26 25.51
C GLN A 263 -12.86 -4.74 25.69
N ALA A 264 -13.73 -4.09 24.93
CA ALA A 264 -13.88 -2.64 24.97
C ALA A 264 -15.29 -2.28 25.41
N GLU A 265 -15.41 -1.14 26.08
CA GLU A 265 -16.70 -0.67 26.55
C GLU A 265 -17.42 0.18 25.51
N HIS A 266 -16.68 0.78 24.59
CA HIS A 266 -17.24 1.60 23.53
C HIS A 266 -16.86 1.02 22.17
N LEU A 267 -17.57 1.47 21.14
CA LEU A 267 -17.32 0.94 19.80
C LEU A 267 -16.07 1.53 19.18
N LYS A 268 -15.73 2.78 19.50
CA LYS A 268 -14.53 3.38 18.94
C LYS A 268 -13.27 2.69 19.45
N THR A 269 -13.26 2.33 20.72
CA THR A 269 -12.13 1.60 21.27
C THR A 269 -11.98 0.24 20.59
N ALA A 270 -13.10 -0.45 20.35
CA ALA A 270 -13.04 -1.72 19.65
C ALA A 270 -12.58 -1.56 18.21
N VAL A 271 -12.96 -0.46 17.55
CA VAL A 271 -12.51 -0.22 16.19
C VAL A 271 -11.01 0.01 16.16
N GLN A 272 -10.49 0.76 17.12
CA GLN A 272 -9.04 0.98 17.16
C GLN A 272 -8.30 -0.31 17.51
N MET A 273 -8.88 -1.13 18.39
CA MET A 273 -8.30 -2.43 18.67
C MET A 273 -8.26 -3.29 17.41
N ALA A 274 -9.33 -3.26 16.62
CA ALA A 274 -9.36 -4.03 15.38
C ALA A 274 -8.32 -3.52 14.39
N VAL A 275 -8.15 -2.20 14.30
CA VAL A 275 -7.12 -1.64 13.43
C VAL A 275 -5.74 -2.12 13.86
N PHE A 276 -5.48 -2.07 15.17
CA PHE A 276 -4.20 -2.56 15.71
C PHE A 276 -3.99 -4.02 15.33
N ILE A 277 -5.01 -4.86 15.56
CA ILE A 277 -4.87 -6.29 15.32
C ILE A 277 -4.65 -6.58 13.84
N HIS A 278 -5.39 -5.90 12.97
CA HIS A 278 -5.21 -6.12 11.53
C HIS A 278 -3.82 -5.68 11.08
N ASN A 279 -3.37 -4.50 11.51
CA ASN A 279 -2.13 -3.95 10.99
C ASN A 279 -0.90 -4.63 11.57
N PHE A 280 -1.00 -5.22 12.78
CA PHE A 280 0.20 -5.73 13.44
C PHE A 280 0.07 -7.12 14.03
N LYS A 281 -1.11 -7.72 14.07
CA LYS A 281 -1.28 -9.03 14.69
C LYS A 281 -1.81 -10.07 13.72
N ARG A 282 -1.85 -9.78 12.42
CA ARG A 282 -2.29 -10.73 11.40
C ARG A 282 -1.26 -10.72 10.29
N LYS A 283 -0.54 -11.82 10.12
CA LYS A 283 0.49 -11.93 9.09
C LYS A 283 0.02 -12.83 7.96
N GLY A 284 0.67 -12.68 6.82
CA GLY A 284 0.28 -13.40 5.61
C GLY A 284 0.08 -12.45 4.46
N GLY A 285 0.42 -12.87 3.25
CA GLY A 285 0.32 -12.02 2.09
C GLY A 285 1.56 -12.15 1.21
N ILE A 286 1.88 -11.06 0.50
CA ILE A 286 2.95 -11.09 -0.49
C ILE A 286 4.34 -11.12 0.12
N GLY A 287 4.46 -11.06 1.45
CA GLY A 287 5.76 -11.17 2.07
C GLY A 287 5.76 -11.92 3.38
N GLY A 288 4.64 -12.56 3.70
CA GLY A 288 4.47 -13.07 5.04
C GLY A 288 4.41 -11.97 6.07
N TYR A 289 4.15 -10.74 5.65
CA TYR A 289 4.15 -9.56 6.50
C TYR A 289 2.80 -9.39 7.19
N SER A 290 2.78 -8.47 8.15
CA SER A 290 1.55 -7.82 8.56
C SER A 290 1.33 -6.60 7.69
N ALA A 291 0.17 -5.98 7.83
CA ALA A 291 -0.16 -4.83 6.99
C ALA A 291 0.78 -3.66 7.28
N GLY A 292 1.21 -3.51 8.54
CA GLY A 292 2.12 -2.42 8.87
C GLY A 292 3.51 -2.65 8.32
N GLU A 293 4.05 -3.85 8.53
CA GLU A 293 5.33 -4.19 7.93
C GLU A 293 5.25 -4.08 6.42
N ARG A 294 4.13 -4.46 5.83
CA ARG A 294 4.02 -4.42 4.38
C ARG A 294 3.95 -2.99 3.86
N ILE A 295 3.23 -2.10 4.55
CA ILE A 295 3.18 -0.72 4.09
C ILE A 295 4.54 -0.06 4.25
N VAL A 296 5.26 -0.38 5.32
CA VAL A 296 6.60 0.18 5.51
C VAL A 296 7.52 -0.31 4.40
N ASP A 297 7.45 -1.61 4.08
CA ASP A 297 8.26 -2.14 2.99
C ASP A 297 7.90 -1.48 1.67
N ILE A 298 6.61 -1.36 1.37
CA ILE A 298 6.17 -0.77 0.11
C ILE A 298 6.70 0.65 -0.03
N ILE A 299 6.56 1.48 1.01
CA ILE A 299 6.91 2.89 0.88
C ILE A 299 8.41 3.07 0.89
N ALA A 300 9.12 2.38 1.78
CA ALA A 300 10.57 2.46 1.78
C ALA A 300 11.15 1.97 0.47
N THR A 301 10.58 0.91 -0.10
CA THR A 301 11.02 0.42 -1.40
C THR A 301 10.75 1.43 -2.50
N ASP A 302 9.59 2.08 -2.46
CA ASP A 302 9.30 3.10 -3.46
C ASP A 302 10.34 4.20 -3.42
N ILE A 303 10.65 4.71 -2.22
CA ILE A 303 11.63 5.79 -2.09
C ILE A 303 13.00 5.33 -2.55
N GLN A 304 13.44 4.16 -2.08
CA GLN A 304 14.77 3.68 -2.39
C GLN A 304 14.93 3.40 -3.88
N THR A 305 13.94 2.77 -4.50
CA THR A 305 14.03 2.47 -5.92
C THR A 305 13.96 3.75 -6.75
N LYS A 306 13.16 4.73 -6.31
CA LYS A 306 13.12 6.00 -7.04
C LYS A 306 14.49 6.68 -7.03
N GLU A 307 15.12 6.73 -5.86
CA GLU A 307 16.44 7.36 -5.79
C GLU A 307 17.48 6.55 -6.56
N LEU A 308 17.40 5.22 -6.47
CA LEU A 308 18.35 4.37 -7.19
C LEU A 308 18.24 4.58 -8.68
N GLN A 309 17.01 4.60 -9.22
CA GLN A 309 16.83 4.80 -10.65
C GLN A 309 17.21 6.21 -11.07
N LYS A 310 16.96 7.20 -10.21
CA LYS A 310 17.39 8.55 -10.54
C LYS A 310 18.91 8.66 -10.62
N GLN A 311 19.61 7.88 -9.79
CA GLN A 311 21.07 7.86 -9.88
C GLN A 311 21.55 7.02 -11.06
N ILE A 312 20.80 5.98 -11.44
CA ILE A 312 21.22 5.11 -12.53
C ILE A 312 21.08 5.83 -13.87
N THR A 313 19.90 6.41 -14.14
CA THR A 313 19.70 7.07 -15.42
C THR A 313 20.60 8.29 -15.59
N LYS A 314 21.01 8.90 -14.47
CA LYS A 314 21.92 10.04 -14.55
C LYS A 314 23.31 9.65 -15.04
N ILE A 315 23.69 8.38 -14.92
CA ILE A 315 25.01 7.93 -15.33
C ILE A 315 24.93 7.30 -16.71
N GLN A 316 24.05 6.30 -16.87
CA GLN A 316 23.92 5.61 -18.14
C GLN A 316 23.38 6.56 -19.20
N ASN A 317 24.14 6.73 -20.28
CA ASN A 317 23.73 7.54 -21.43
C ASN A 317 24.07 6.75 -22.68
N PHE A 318 23.13 5.90 -23.12
CA PHE A 318 23.35 5.03 -24.28
C PHE A 318 22.07 5.02 -25.11
N ARG A 319 22.18 5.37 -26.38
CA ARG A 319 21.04 5.33 -27.31
C ARG A 319 21.09 4.01 -28.07
N VAL A 320 19.94 3.35 -28.17
CA VAL A 320 19.87 2.04 -28.81
C VAL A 320 19.09 2.16 -30.11
N GLY A 332 15.05 3.63 -34.37
CA GLY A 332 15.23 5.01 -33.98
C GLY A 332 16.14 5.19 -32.78
N PRO A 333 16.53 6.43 -32.48
CA PRO A 333 17.41 6.67 -31.33
C PRO A 333 16.67 6.63 -30.00
N ALA A 334 16.40 5.43 -29.50
CA ALA A 334 15.70 5.27 -28.24
C ALA A 334 16.67 5.48 -27.07
N LYS A 335 16.17 5.21 -25.86
CA LYS A 335 16.96 5.31 -24.64
C LYS A 335 17.12 3.93 -24.03
N LEU A 336 18.33 3.61 -23.59
CA LEU A 336 18.61 2.34 -22.94
C LEU A 336 18.03 2.34 -21.53
N LEU A 337 17.07 1.45 -21.28
CA LEU A 337 16.55 1.28 -19.93
C LEU A 337 17.26 0.18 -19.16
N TRP A 338 17.63 -0.90 -19.83
CA TRP A 338 18.31 -2.02 -19.17
C TRP A 338 18.95 -2.89 -20.24
N LYS A 339 20.24 -3.16 -20.09
CA LYS A 339 20.98 -4.00 -21.02
C LYS A 339 21.18 -5.37 -20.39
N GLY A 340 20.70 -6.40 -21.07
CA GLY A 340 20.80 -7.75 -20.55
C GLY A 340 21.65 -8.66 -21.40
N GLU A 341 21.77 -9.93 -20.99
CA GLU A 341 22.60 -10.86 -21.74
C GLU A 341 21.89 -11.36 -23.00
N GLY A 342 20.56 -11.31 -23.02
CA GLY A 342 19.82 -11.78 -24.18
C GLY A 342 18.73 -10.83 -24.63
N ALA A 343 18.66 -9.66 -24.01
CA ALA A 343 17.62 -8.69 -24.34
C ALA A 343 18.12 -7.28 -24.01
N VAL A 344 17.49 -6.30 -24.65
CA VAL A 344 17.79 -4.89 -24.43
C VAL A 344 16.48 -4.11 -24.38
N VAL A 345 16.23 -3.42 -23.29
CA VAL A 345 14.99 -2.68 -23.11
C VAL A 345 15.22 -1.23 -23.52
N ILE A 346 14.26 -0.68 -24.28
CA ILE A 346 14.34 0.67 -24.81
C ILE A 346 13.05 1.41 -24.47
N GLN A 347 13.07 2.72 -24.65
CA GLN A 347 11.89 3.54 -24.42
C GLN A 347 11.15 3.78 -25.74
N ILE A 352 7.77 1.30 -24.22
CA ILE A 352 8.82 0.47 -23.65
C ILE A 352 8.72 -0.95 -24.20
N LYS A 353 9.67 -1.34 -25.04
CA LYS A 353 9.70 -2.68 -25.61
C LYS A 353 11.04 -3.35 -25.30
N VAL A 354 11.10 -4.64 -25.58
CA VAL A 354 12.13 -5.52 -25.03
C VAL A 354 13.02 -6.01 -26.17
N VAL A 355 13.27 -5.12 -27.14
CA VAL A 355 14.17 -5.36 -28.26
C VAL A 355 15.32 -6.31 -27.96
N ALA A 360 20.30 -4.80 -32.01
CA ALA A 360 20.51 -3.56 -31.27
C ALA A 360 21.82 -2.91 -31.67
N LYS A 361 21.88 -1.58 -31.53
CA LYS A 361 23.05 -0.78 -31.88
C LYS A 361 23.38 0.20 -30.76
N ILE A 362 23.49 -0.33 -29.54
CA ILE A 362 23.70 0.48 -28.34
C ILE A 362 24.90 1.40 -28.50
N ILE A 363 24.73 2.67 -28.15
CA ILE A 363 25.80 3.66 -28.26
C ILE A 363 26.46 3.86 -26.90
N LEU B 97 31.05 -16.81 1.70
CA LEU B 97 31.91 -17.87 1.19
C LEU B 97 33.38 -17.45 1.26
N ASP B 98 33.91 -17.02 0.12
CA ASP B 98 35.31 -16.60 0.05
C ASP B 98 35.55 -15.23 0.66
N GLY B 99 34.49 -14.54 1.10
CA GLY B 99 34.63 -13.21 1.67
C GLY B 99 34.52 -13.18 3.17
N ILE B 100 34.35 -14.34 3.80
CA ILE B 100 34.12 -14.37 5.24
C ILE B 100 35.36 -13.89 5.99
N ASP B 101 36.50 -14.56 5.80
CA ASP B 101 37.72 -14.14 6.48
C ASP B 101 38.17 -12.76 6.05
N LYS B 102 37.89 -12.39 4.79
CA LYS B 102 38.17 -11.03 4.35
C LYS B 102 37.41 -10.01 5.19
N ALA B 103 36.10 -10.20 5.33
CA ALA B 103 35.31 -9.28 6.15
C ALA B 103 35.75 -9.32 7.59
N GLN B 104 36.21 -10.48 8.06
CA GLN B 104 36.78 -10.52 9.41
C GLN B 104 37.97 -9.59 9.52
N GLU B 105 38.83 -9.55 8.49
CA GLU B 105 39.96 -8.64 8.52
C GLU B 105 39.53 -7.19 8.44
N GLU B 106 38.58 -6.86 7.56
CA GLU B 106 38.08 -5.49 7.50
C GLU B 106 37.53 -5.04 8.85
N HIS B 107 36.69 -5.88 9.48
CA HIS B 107 36.21 -5.55 10.82
C HIS B 107 37.33 -5.52 11.84
N GLU B 108 38.44 -6.22 11.59
CA GLU B 108 39.59 -6.12 12.47
C GLU B 108 40.23 -4.74 12.35
N LYS B 109 40.24 -4.16 11.15
CA LYS B 109 40.87 -2.87 10.94
C LYS B 109 39.87 -1.72 10.84
N TYR B 110 38.73 -1.91 10.18
CA TYR B 110 37.77 -0.82 10.00
C TYR B 110 36.56 -0.91 10.92
N HIS B 111 36.17 -2.12 11.34
CA HIS B 111 35.06 -2.32 12.26
C HIS B 111 33.75 -1.80 11.69
N SER B 112 33.45 -2.21 10.45
CA SER B 112 32.17 -1.86 9.85
C SER B 112 31.05 -2.66 10.47
N ASN B 113 29.86 -2.07 10.53
CA ASN B 113 28.70 -2.78 11.04
C ASN B 113 28.33 -3.93 10.11
N TRP B 114 27.48 -4.82 10.60
CA TRP B 114 27.15 -6.03 9.83
C TRP B 114 26.40 -5.69 8.56
N ARG B 115 25.63 -4.60 8.55
CA ARG B 115 24.90 -4.23 7.34
C ARG B 115 25.85 -3.87 6.21
N ALA B 116 27.02 -3.31 6.52
CA ALA B 116 28.00 -3.01 5.50
C ALA B 116 28.69 -4.27 5.02
N MET B 117 29.24 -5.07 5.94
CA MET B 117 29.93 -6.29 5.57
C MET B 117 29.04 -7.29 4.86
N ALA B 118 27.72 -7.20 5.05
CA ALA B 118 26.82 -8.15 4.40
C ALA B 118 26.66 -7.83 2.91
N SER B 119 26.19 -6.62 2.60
CA SER B 119 25.90 -6.28 1.21
C SER B 119 27.16 -6.04 0.39
N ASP B 120 28.28 -5.68 1.03
CA ASP B 120 29.50 -5.43 0.28
C ASP B 120 30.25 -6.72 -0.03
N PHE B 121 30.02 -7.79 0.73
CA PHE B 121 30.71 -9.05 0.50
C PHE B 121 29.76 -10.20 0.22
N ASN B 122 28.50 -9.93 -0.09
CA ASN B 122 27.52 -10.95 -0.42
C ASN B 122 27.34 -11.97 0.71
N LEU B 123 27.60 -11.55 1.94
CA LEU B 123 27.45 -12.45 3.06
C LEU B 123 26.00 -12.46 3.55
N PRO B 124 25.49 -13.62 3.98
CA PRO B 124 24.22 -13.63 4.68
C PRO B 124 24.31 -12.83 5.96
N PRO B 125 23.27 -12.06 6.30
CA PRO B 125 23.37 -11.18 7.47
C PRO B 125 23.72 -11.89 8.75
N VAL B 126 23.39 -13.18 8.89
CA VAL B 126 23.76 -13.91 10.10
C VAL B 126 25.26 -14.06 10.21
N VAL B 127 25.93 -14.32 9.07
CA VAL B 127 27.38 -14.51 9.10
C VAL B 127 28.07 -13.20 9.48
N ALA B 128 27.67 -12.09 8.86
CA ALA B 128 28.28 -10.81 9.18
C ALA B 128 27.95 -10.39 10.61
N LYS B 129 26.76 -10.75 11.10
CA LYS B 129 26.40 -10.43 12.48
C LYS B 129 27.26 -11.21 13.45
N GLU B 130 27.59 -12.47 13.12
CA GLU B 130 28.49 -13.22 13.98
C GLU B 130 29.92 -12.70 13.87
N ILE B 131 30.29 -12.17 12.71
CA ILE B 131 31.60 -11.56 12.54
C ILE B 131 31.73 -10.34 13.44
N VAL B 132 30.72 -9.46 13.43
CA VAL B 132 30.78 -8.27 14.27
C VAL B 132 30.60 -8.64 15.74
N ALA B 133 29.94 -9.75 16.02
CA ALA B 133 29.72 -10.17 17.41
C ALA B 133 30.89 -10.96 17.98
N SER B 134 31.85 -11.37 17.14
CA SER B 134 33.01 -12.08 17.61
C SER B 134 34.18 -11.17 17.97
N CYS B 135 33.99 -9.86 17.91
CA CYS B 135 35.07 -8.91 18.16
C CYS B 135 34.98 -8.36 19.58
N ASP B 136 36.13 -7.92 20.10
CA ASP B 136 36.18 -7.37 21.44
C ASP B 136 35.92 -5.86 21.44
N LYS B 137 36.35 -5.18 20.37
CA LYS B 137 36.18 -3.73 20.28
C LYS B 137 34.72 -3.32 20.13
N CYS B 138 33.90 -4.18 19.52
CA CYS B 138 32.51 -3.84 19.25
C CYS B 138 31.56 -4.27 20.36
N GLN B 139 32.07 -4.85 21.44
CA GLN B 139 31.23 -5.25 22.56
C GLN B 139 31.67 -4.54 23.83
N SER B 152 15.03 2.19 20.66
CA SER B 152 15.10 3.51 20.03
C SER B 152 14.02 3.74 18.96
N PRO B 153 13.87 2.82 17.99
CA PRO B 153 12.87 3.07 16.93
C PRO B 153 11.43 2.96 17.38
N GLY B 154 11.16 2.53 18.61
CA GLY B 154 9.80 2.41 19.07
C GLY B 154 9.47 3.36 20.21
N ILE B 155 10.32 4.33 20.45
CA ILE B 155 10.13 5.29 21.55
C ILE B 155 9.37 6.49 21.01
N TRP B 156 8.25 6.80 21.64
CA TRP B 156 7.48 8.00 21.34
C TRP B 156 7.41 8.87 22.58
N GLN B 157 7.15 10.16 22.37
CA GLN B 157 7.07 11.13 23.45
C GLN B 157 5.78 11.92 23.30
N LEU B 158 4.94 11.86 24.33
CA LEU B 158 3.63 12.50 24.30
C LEU B 158 3.62 13.73 25.20
N ASP B 159 2.82 14.71 24.80
CA ASP B 159 2.58 15.89 25.64
C ASP B 159 1.26 16.53 25.25
N CYS B 160 0.82 17.46 26.10
CA CYS B 160 -0.40 18.23 25.87
C CYS B 160 -0.01 19.69 25.74
N THR B 161 -0.35 20.30 24.61
CA THR B 161 -0.15 21.73 24.43
C THR B 161 -1.50 22.43 24.39
N HIS B 162 -1.53 23.66 24.90
CA HIS B 162 -2.75 24.45 24.96
C HIS B 162 -2.66 25.59 23.97
N LEU B 163 -3.62 25.65 23.04
CA LEU B 163 -3.62 26.67 22.01
C LEU B 163 -5.05 27.05 21.68
N GLU B 164 -5.34 28.36 21.73
CA GLU B 164 -6.67 28.89 21.45
C GLU B 164 -7.70 28.30 22.41
N GLY B 165 -7.26 27.99 23.64
CA GLY B 165 -8.11 27.36 24.63
C GLY B 165 -8.39 25.90 24.39
N LYS B 166 -7.88 25.31 23.32
CA LYS B 166 -8.03 23.90 23.03
C LYS B 166 -6.81 23.13 23.51
N VAL B 167 -7.01 21.84 23.73
CA VAL B 167 -5.96 20.92 24.17
C VAL B 167 -5.57 20.05 22.98
N ILE B 168 -4.27 19.92 22.74
CA ILE B 168 -3.74 19.17 21.61
C ILE B 168 -2.75 18.15 22.14
N LEU B 169 -3.06 16.87 21.95
CA LEU B 169 -2.10 15.81 22.21
C LEU B 169 -1.11 15.73 21.06
N VAL B 170 0.17 15.82 21.39
CA VAL B 170 1.26 15.76 20.41
C VAL B 170 2.15 14.59 20.77
N ALA B 171 2.36 13.70 19.80
CA ALA B 171 3.22 12.53 19.95
C ALA B 171 4.33 12.62 18.93
N VAL B 172 5.57 12.58 19.40
CA VAL B 172 6.75 12.69 18.55
C VAL B 172 7.49 11.37 18.55
N HIS B 173 7.90 10.93 17.36
CA HIS B 173 8.81 9.80 17.23
C HIS B 173 10.23 10.33 17.45
N VAL B 174 10.79 10.04 18.63
CA VAL B 174 12.05 10.65 19.02
C VAL B 174 13.15 10.31 18.03
N ALA B 175 13.07 9.14 17.39
CA ALA B 175 14.13 8.71 16.49
C ALA B 175 14.13 9.46 15.17
N SER B 176 12.98 9.98 14.73
CA SER B 176 12.87 10.59 13.42
C SER B 176 12.21 11.96 13.41
N GLY B 177 11.57 12.39 14.49
CA GLY B 177 10.87 13.65 14.50
C GLY B 177 9.47 13.61 13.93
N TYR B 178 9.03 12.47 13.41
CA TYR B 178 7.68 12.32 12.87
C TYR B 178 6.65 12.65 13.94
N ILE B 179 5.85 13.67 13.67
CA ILE B 179 4.93 14.20 14.65
C ILE B 179 3.52 13.69 14.35
N GLU B 180 2.68 13.67 15.37
CA GLU B 180 1.31 13.20 15.23
C GLU B 180 0.48 13.91 16.28
N ALA B 181 -0.39 14.83 15.86
CA ALA B 181 -1.13 15.67 16.79
C ALA B 181 -2.62 15.48 16.61
N GLU B 182 -3.37 15.77 17.67
CA GLU B 182 -4.81 15.61 17.69
C GLU B 182 -5.42 16.57 18.68
N VAL B 183 -6.32 17.42 18.21
CA VAL B 183 -7.06 18.32 19.10
C VAL B 183 -8.13 17.49 19.81
N ILE B 184 -7.99 17.34 21.12
CA ILE B 184 -8.93 16.56 21.92
C ILE B 184 -9.85 17.53 22.66
N PRO B 185 -11.10 17.14 22.92
CA PRO B 185 -12.03 18.06 23.61
C PRO B 185 -11.69 18.29 25.07
N ALA B 186 -11.05 17.34 25.74
CA ALA B 186 -10.76 17.49 27.16
C ALA B 186 -9.47 16.77 27.48
N GLU B 187 -8.74 17.30 28.45
CA GLU B 187 -7.46 16.73 28.87
C GLU B 187 -7.68 15.67 29.95
N THR B 188 -8.47 14.66 29.61
CA THR B 188 -8.82 13.58 30.51
C THR B 188 -8.10 12.30 30.09
N GLY B 189 -8.16 11.31 30.98
CA GLY B 189 -7.47 10.05 30.74
C GLY B 189 -8.09 9.23 29.63
N GLN B 190 -9.40 9.33 29.45
CA GLN B 190 -10.07 8.54 28.42
C GLN B 190 -9.58 8.95 27.02
N GLU B 191 -9.52 10.25 26.76
CA GLU B 191 -9.10 10.69 25.42
C GLU B 191 -7.62 10.44 25.21
N THR B 192 -6.82 10.50 26.27
CA THR B 192 -5.41 10.14 26.15
C THR B 192 -5.25 8.67 25.80
N ALA B 193 -6.04 7.80 26.45
CA ALA B 193 -5.99 6.39 26.13
C ALA B 193 -6.46 6.12 24.70
N TYR B 194 -7.46 6.88 24.25
CA TYR B 194 -7.93 6.73 22.88
C TYR B 194 -6.85 7.14 21.88
N PHE B 195 -6.19 8.28 22.14
CA PHE B 195 -5.09 8.71 21.27
C PHE B 195 -3.96 7.69 21.26
N LEU B 196 -3.63 7.13 22.42
CA LEU B 196 -2.55 6.15 22.48
C LEU B 196 -2.91 4.87 21.74
N LEU B 197 -4.16 4.42 21.86
CA LEU B 197 -4.57 3.22 21.14
C LEU B 197 -4.58 3.44 19.64
N LYS B 198 -5.08 4.60 19.20
CA LYS B 198 -5.00 4.97 17.79
C LYS B 198 -3.56 4.92 17.29
N LEU B 199 -2.66 5.61 17.99
CA LEU B 199 -1.26 5.67 17.58
C LEU B 199 -0.66 4.26 17.52
N ALA B 200 -0.87 3.46 18.57
CA ALA B 200 -0.29 2.13 18.62
C ALA B 200 -0.84 1.24 17.52
N GLY B 201 -2.09 1.45 17.12
CA GLY B 201 -2.60 0.72 15.97
C GLY B 201 -2.05 1.21 14.65
N ARG B 202 -1.63 2.47 14.59
CA ARG B 202 -1.11 3.04 13.35
C ARG B 202 0.37 2.77 13.16
N TRP B 203 1.17 2.87 14.21
CA TRP B 203 2.62 2.71 14.15
C TRP B 203 3.06 1.68 15.18
N PRO B 204 4.24 1.08 15.01
CA PRO B 204 4.74 0.14 16.02
C PRO B 204 5.27 0.85 17.26
N VAL B 205 4.39 1.20 18.19
CA VAL B 205 4.77 1.90 19.40
C VAL B 205 5.18 0.88 20.45
N LYS B 206 6.36 1.06 21.03
CA LYS B 206 6.87 0.17 22.07
C LYS B 206 7.07 0.86 23.41
N THR B 207 7.33 2.16 23.42
CA THR B 207 7.56 2.90 24.65
C THR B 207 7.07 4.32 24.46
N VAL B 208 6.40 4.85 25.48
CA VAL B 208 5.89 6.20 25.48
C VAL B 208 6.48 6.95 26.66
N HIS B 209 7.00 8.15 26.40
CA HIS B 209 7.54 9.02 27.44
C HIS B 209 6.59 10.18 27.67
N THR B 210 6.17 10.35 28.91
CA THR B 210 5.20 11.38 29.27
C THR B 210 5.75 12.23 30.42
N ASP B 211 5.11 13.39 30.64
CA ASP B 211 5.57 14.35 31.63
C ASP B 211 4.90 14.18 32.98
N ASN B 212 4.42 12.98 33.30
CA ASN B 212 3.80 12.68 34.59
C ASN B 212 2.56 13.53 34.83
N GLY B 213 1.79 13.76 33.78
CA GLY B 213 0.57 14.53 33.93
C GLY B 213 -0.56 13.73 34.56
N SER B 214 -1.61 14.44 34.95
CA SER B 214 -2.76 13.78 35.56
C SER B 214 -3.48 12.88 34.57
N ASN B 215 -3.38 13.16 33.28
CA ASN B 215 -4.06 12.38 32.25
C ASN B 215 -3.18 11.30 31.66
N PHE B 216 -1.91 11.21 32.06
CA PHE B 216 -1.04 10.15 31.57
C PHE B 216 -0.86 9.04 32.59
N THR B 217 -1.06 9.32 33.86
CA THR B 217 -0.94 8.33 34.91
C THR B 217 -2.28 7.75 35.35
N SER B 218 -3.36 8.06 34.62
CA SER B 218 -4.67 7.53 34.96
C SER B 218 -4.75 6.05 34.62
N THR B 219 -5.67 5.35 35.28
CA THR B 219 -5.81 3.91 35.09
C THR B 219 -6.22 3.53 33.67
N THR B 220 -6.96 4.40 32.98
CA THR B 220 -7.41 4.07 31.62
C THR B 220 -6.24 4.04 30.65
N VAL B 221 -5.33 5.01 30.77
CA VAL B 221 -4.14 5.01 29.91
C VAL B 221 -3.26 3.82 30.24
N LYS B 222 -3.19 3.46 31.53
CA LYS B 222 -2.43 2.27 31.92
C LYS B 222 -3.00 1.01 31.29
N ALA B 223 -4.34 0.90 31.28
CA ALA B 223 -4.97 -0.27 30.66
C ALA B 223 -4.76 -0.28 29.16
N ALA B 224 -4.83 0.89 28.52
CA ALA B 224 -4.58 0.95 27.08
C ALA B 224 -3.15 0.54 26.75
N CYS B 225 -2.19 1.01 27.53
CA CYS B 225 -0.80 0.61 27.30
C CYS B 225 -0.58 -0.86 27.57
N TRP B 226 -1.23 -1.41 28.60
CA TRP B 226 -1.12 -2.84 28.87
C TRP B 226 -1.69 -3.66 27.72
N TRP B 227 -2.82 -3.22 27.15
CA TRP B 227 -3.43 -3.95 26.06
C TRP B 227 -2.56 -3.88 24.81
N ALA B 228 -2.17 -2.68 24.39
CA ALA B 228 -1.36 -2.51 23.20
C ALA B 228 0.08 -2.97 23.39
N GLY B 229 0.47 -3.35 24.60
CA GLY B 229 1.82 -3.79 24.86
C GLY B 229 2.84 -2.67 24.82
N ILE B 230 2.48 -1.54 25.43
CA ILE B 230 3.32 -0.35 25.45
C ILE B 230 3.92 -0.20 26.85
N LYS B 231 5.21 0.13 26.91
CA LYS B 231 5.87 0.44 28.17
C LYS B 231 5.77 1.93 28.43
N GLN B 232 5.23 2.28 29.60
CA GLN B 232 4.99 3.67 29.96
C GLN B 232 6.10 4.15 30.87
N GLU B 233 6.93 5.06 30.36
CA GLU B 233 8.05 5.61 31.10
C GLU B 233 7.79 7.08 31.42
N PHE B 234 7.97 7.45 32.68
CA PHE B 234 7.71 8.81 33.13
C PHE B 234 9.00 9.53 33.48
N GLY B 244 12.65 17.05 26.07
CA GLY B 244 13.62 17.84 25.34
C GLY B 244 13.30 17.95 23.86
N VAL B 245 12.91 16.82 23.27
CA VAL B 245 12.49 16.82 21.88
C VAL B 245 11.05 17.29 21.76
N ILE B 246 10.19 16.88 22.69
CA ILE B 246 8.79 17.25 22.63
C ILE B 246 8.62 18.75 22.79
N GLU B 247 9.50 19.39 23.56
CA GLU B 247 9.37 20.84 23.74
C GLU B 247 9.70 21.58 22.45
N SER B 248 10.81 21.23 21.81
CA SER B 248 11.19 21.89 20.57
C SER B 248 10.15 21.63 19.48
N MET B 249 9.60 20.41 19.42
CA MET B 249 8.64 20.15 18.36
C MET B 249 7.24 20.65 18.67
N ASN B 250 6.87 20.83 19.95
CA ASN B 250 5.69 21.62 20.23
C ASN B 250 5.87 23.07 19.78
N LYS B 251 7.07 23.63 19.99
CA LYS B 251 7.32 24.98 19.50
C LYS B 251 7.21 25.05 17.98
N GLU B 252 7.79 24.07 17.28
CA GLU B 252 7.74 24.08 15.82
C GLU B 252 6.31 23.86 15.31
N LEU B 253 5.56 22.97 15.95
CA LEU B 253 4.19 22.74 15.54
C LEU B 253 3.32 23.97 15.80
N LYS B 254 3.55 24.66 16.92
CA LYS B 254 2.82 25.89 17.19
C LYS B 254 3.15 26.96 16.15
N LYS B 255 4.42 27.02 15.72
CA LYS B 255 4.79 27.97 14.69
C LYS B 255 4.09 27.65 13.37
N ILE B 256 4.06 26.38 12.99
CA ILE B 256 3.40 26.01 11.74
C ILE B 256 1.89 26.27 11.83
N ILE B 257 1.29 26.00 12.99
CA ILE B 257 -0.13 26.29 13.17
C ILE B 257 -0.39 27.78 13.01
N GLY B 258 0.42 28.61 13.68
CA GLY B 258 0.28 30.05 13.51
C GLY B 258 0.47 30.49 12.08
N GLN B 259 1.31 29.77 11.33
CA GLN B 259 1.48 30.08 9.92
C GLN B 259 0.21 29.77 9.12
N VAL B 260 -0.38 28.60 9.35
CA VAL B 260 -1.48 28.12 8.51
C VAL B 260 -2.83 28.22 9.23
N ARG B 261 -2.92 29.02 10.28
CA ARG B 261 -4.20 29.16 10.97
C ARG B 261 -5.23 29.86 10.10
N ASP B 262 -4.78 30.78 9.24
CA ASP B 262 -5.70 31.55 8.41
C ASP B 262 -6.44 30.68 7.40
N GLN B 263 -5.86 29.56 6.98
CA GLN B 263 -6.47 28.71 5.97
C GLN B 263 -7.49 27.73 6.53
N ALA B 264 -7.83 27.82 7.80
CA ALA B 264 -8.72 26.88 8.44
C ALA B 264 -9.78 27.61 9.25
N GLU B 265 -10.98 27.04 9.30
CA GLU B 265 -12.07 27.60 10.08
C GLU B 265 -12.10 27.07 11.50
N HIS B 266 -11.76 25.79 11.70
CA HIS B 266 -11.60 25.20 13.02
C HIS B 266 -10.13 24.94 13.31
N LEU B 267 -9.79 24.84 14.59
CA LEU B 267 -8.40 24.63 14.97
C LEU B 267 -7.93 23.21 14.68
N LYS B 268 -8.85 22.24 14.67
CA LYS B 268 -8.44 20.86 14.44
C LYS B 268 -7.90 20.67 13.02
N THR B 269 -8.56 21.26 12.03
CA THR B 269 -8.06 21.14 10.66
C THR B 269 -6.75 21.88 10.49
N ALA B 270 -6.59 23.02 11.19
CA ALA B 270 -5.31 23.72 11.14
C ALA B 270 -4.19 22.88 11.75
N VAL B 271 -4.50 22.16 12.83
CA VAL B 271 -3.52 21.28 13.46
C VAL B 271 -3.15 20.15 12.50
N GLN B 272 -4.14 19.59 11.80
CA GLN B 272 -3.84 18.52 10.86
C GLN B 272 -3.03 19.04 9.67
N MET B 273 -3.31 20.26 9.23
CA MET B 273 -2.50 20.86 8.17
C MET B 273 -1.06 21.07 8.63
N ALA B 274 -0.88 21.53 9.87
CA ALA B 274 0.46 21.69 10.40
C ALA B 274 1.19 20.36 10.50
N VAL B 275 0.48 19.30 10.91
CA VAL B 275 1.09 17.98 10.97
C VAL B 275 1.51 17.53 9.58
N PHE B 276 0.65 17.74 8.59
CA PHE B 276 1.01 17.41 7.21
C PHE B 276 2.27 18.15 6.77
N ILE B 277 2.31 19.45 7.02
CA ILE B 277 3.44 20.27 6.58
C ILE B 277 4.72 19.85 7.28
N HIS B 278 4.63 19.50 8.57
CA HIS B 278 5.83 19.10 9.30
C HIS B 278 6.31 17.73 8.84
N ASN B 279 5.39 16.80 8.57
CA ASN B 279 5.78 15.44 8.28
C ASN B 279 6.21 15.24 6.83
N PHE B 280 5.73 16.08 5.90
CA PHE B 280 6.00 15.84 4.49
C PHE B 280 6.45 17.05 3.70
N LYS B 281 6.41 18.25 4.26
CA LYS B 281 6.83 19.44 3.53
C LYS B 281 8.12 20.06 4.06
N ARG B 282 8.40 19.94 5.35
CA ARG B 282 9.63 20.47 5.93
C ARG B 282 10.72 19.41 5.80
N LYS B 283 11.70 19.68 4.95
CA LYS B 283 12.82 18.78 4.74
C LYS B 283 14.08 19.40 5.34
N GLY B 284 14.93 18.56 5.93
CA GLY B 284 16.17 19.01 6.51
C GLY B 284 17.07 17.87 6.92
N GLY B 285 17.74 18.01 8.05
CA GLY B 285 18.57 16.93 8.55
C GLY B 285 19.83 16.72 7.72
N ILE B 286 20.31 15.49 7.74
CA ILE B 286 21.58 15.17 7.09
C ILE B 286 21.43 15.16 5.57
N GLY B 287 20.55 14.29 5.07
CA GLY B 287 20.42 14.09 3.64
C GLY B 287 19.29 14.84 2.97
N GLY B 288 18.58 15.70 3.70
CA GLY B 288 17.49 16.45 3.11
C GLY B 288 16.20 15.69 2.97
N TYR B 289 15.91 14.79 3.90
CA TYR B 289 14.68 14.01 3.90
C TYR B 289 13.65 14.65 4.82
N SER B 290 12.40 14.26 4.62
CA SER B 290 11.31 14.70 5.48
C SER B 290 11.15 13.73 6.65
N ALA B 291 10.29 14.12 7.60
CA ALA B 291 10.07 13.28 8.77
C ALA B 291 9.39 11.96 8.40
N GLY B 292 8.54 11.97 7.37
CA GLY B 292 7.88 10.74 6.96
C GLY B 292 8.84 9.74 6.34
N GLU B 293 9.69 10.21 5.43
CA GLU B 293 10.72 9.34 4.87
C GLU B 293 11.64 8.81 5.97
N ARG B 294 12.00 9.68 6.93
CA ARG B 294 12.86 9.25 8.01
C ARG B 294 12.21 8.17 8.85
N ILE B 295 10.94 8.36 9.23
CA ILE B 295 10.31 7.34 10.07
C ILE B 295 10.10 6.05 9.30
N VAL B 296 9.78 6.11 8.01
CA VAL B 296 9.57 4.86 7.29
C VAL B 296 10.88 4.12 7.11
N ASP B 297 11.99 4.85 6.90
CA ASP B 297 13.28 4.19 6.82
C ASP B 297 13.68 3.59 8.16
N ILE B 298 13.42 4.30 9.25
CA ILE B 298 13.78 3.80 10.57
C ILE B 298 12.98 2.55 10.90
N ILE B 299 11.68 2.57 10.60
CA ILE B 299 10.86 1.37 10.86
C ILE B 299 11.27 0.24 9.94
N ALA B 300 11.74 0.54 8.73
CA ALA B 300 12.22 -0.52 7.84
C ALA B 300 13.46 -1.19 8.41
N THR B 301 14.43 -0.39 8.88
CA THR B 301 15.60 -0.97 9.51
C THR B 301 15.23 -1.72 10.79
N ASP B 302 14.21 -1.25 11.50
CA ASP B 302 13.74 -1.96 12.68
C ASP B 302 13.17 -3.32 12.30
N ILE B 303 12.40 -3.38 11.22
CA ILE B 303 11.86 -4.65 10.73
C ILE B 303 12.99 -5.58 10.33
N GLN B 304 14.01 -5.05 9.65
CA GLN B 304 15.16 -5.87 9.30
C GLN B 304 15.85 -6.42 10.54
N THR B 305 16.00 -5.58 11.57
CA THR B 305 16.64 -6.03 12.80
C THR B 305 15.82 -7.14 13.47
N LYS B 306 14.50 -6.97 13.54
CA LYS B 306 13.65 -7.99 14.15
C LYS B 306 13.70 -9.29 13.36
N GLU B 307 13.70 -9.21 12.02
CA GLU B 307 13.77 -10.42 11.21
C GLU B 307 15.13 -11.11 11.38
N LEU B 308 16.20 -10.33 11.48
CA LEU B 308 17.52 -10.94 11.71
C LEU B 308 17.58 -11.58 13.08
N GLN B 309 16.96 -10.97 14.09
CA GLN B 309 16.96 -11.58 15.41
C GLN B 309 16.14 -12.87 15.42
N LYS B 310 15.03 -12.89 14.67
CA LYS B 310 14.28 -14.13 14.52
C LYS B 310 15.13 -15.20 13.86
N GLN B 311 15.84 -14.85 12.79
CA GLN B 311 16.68 -15.81 12.09
C GLN B 311 17.82 -16.31 12.99
N ILE B 312 18.34 -15.45 13.85
CA ILE B 312 19.42 -15.86 14.75
C ILE B 312 18.90 -16.78 15.84
N THR B 313 17.74 -16.46 16.43
CA THR B 313 17.15 -17.33 17.43
C THR B 313 16.72 -18.67 16.86
N LYS B 314 16.32 -18.70 15.59
CA LYS B 314 15.83 -19.94 15.00
C LYS B 314 16.92 -20.99 14.87
N ILE B 315 18.18 -20.59 14.73
CA ILE B 315 19.26 -21.52 14.46
C ILE B 315 20.26 -21.57 15.61
N GLN B 316 19.90 -21.03 16.78
CA GLN B 316 20.78 -21.20 17.94
C GLN B 316 20.50 -22.50 18.66
N ASN B 317 19.36 -23.13 18.40
CA ASN B 317 19.07 -24.45 18.94
C ASN B 317 19.88 -25.54 18.28
N PHE B 318 20.28 -25.34 17.03
CA PHE B 318 20.96 -26.38 16.27
C PHE B 318 22.43 -26.45 16.67
N ARG B 319 22.96 -27.66 16.80
CA ARG B 319 24.37 -27.89 17.02
C ARG B 319 24.90 -28.78 15.90
N VAL B 320 25.99 -28.34 15.27
CA VAL B 320 26.55 -29.05 14.13
C VAL B 320 27.92 -29.60 14.47
N ALA B 334 30.28 -26.05 17.77
CA ALA B 334 30.11 -25.77 16.34
C ALA B 334 28.76 -25.11 16.10
N LYS B 335 28.67 -23.81 16.35
CA LYS B 335 27.42 -23.09 16.19
C LYS B 335 27.06 -22.95 14.72
N LEU B 336 25.84 -23.34 14.36
CA LEU B 336 25.38 -23.14 13.00
C LEU B 336 25.13 -21.67 12.73
N LEU B 337 25.48 -21.21 11.53
CA LEU B 337 25.23 -19.84 11.11
C LEU B 337 24.38 -19.72 9.86
N TRP B 338 24.53 -20.65 8.91
CA TRP B 338 23.81 -20.58 7.65
C TRP B 338 23.93 -21.93 6.96
N LYS B 339 22.82 -22.39 6.39
CA LYS B 339 22.79 -23.64 5.62
C LYS B 339 22.27 -23.33 4.22
N GLY B 340 23.21 -23.16 3.28
CA GLY B 340 22.87 -22.84 1.91
C GLY B 340 22.49 -24.05 1.07
N GLU B 341 23.06 -24.15 -0.13
CA GLU B 341 22.69 -25.21 -1.05
C GLU B 341 23.06 -26.58 -0.48
N GLY B 342 24.32 -26.77 -0.12
CA GLY B 342 24.78 -27.98 0.53
C GLY B 342 25.98 -27.69 1.40
N ALA B 343 26.30 -26.41 1.54
CA ALA B 343 27.46 -25.95 2.31
C ALA B 343 26.97 -25.18 3.52
N VAL B 344 27.18 -25.74 4.70
CA VAL B 344 26.76 -25.12 5.95
C VAL B 344 27.86 -24.17 6.41
N VAL B 345 27.47 -23.09 7.07
CA VAL B 345 28.43 -22.15 7.65
C VAL B 345 28.47 -22.44 9.15
N ILE B 346 29.68 -22.62 9.68
CA ILE B 346 29.85 -23.06 11.07
C ILE B 346 30.76 -22.06 11.78
N GLN B 347 30.55 -21.94 13.08
CA GLN B 347 31.48 -21.26 13.98
C GLN B 347 32.04 -22.32 14.91
N ASP B 348 33.27 -22.74 14.65
CA ASP B 348 33.94 -23.77 15.42
C ASP B 348 35.15 -23.15 16.12
N ASN B 349 35.23 -23.34 17.43
CA ASN B 349 36.29 -22.75 18.25
C ASN B 349 36.39 -21.24 18.03
N SER B 350 35.22 -20.62 17.86
CA SER B 350 35.10 -19.19 17.57
C SER B 350 35.78 -18.80 16.27
N ASP B 351 36.01 -19.78 15.40
CA ASP B 351 36.55 -19.54 14.08
C ASP B 351 35.52 -19.96 13.04
N ILE B 352 35.03 -18.99 12.26
CA ILE B 352 34.01 -19.28 11.28
C ILE B 352 34.60 -20.16 10.18
N LYS B 353 33.94 -21.29 9.92
CA LYS B 353 34.45 -22.32 9.02
C LYS B 353 33.30 -22.80 8.14
N VAL B 354 33.36 -22.46 6.85
CA VAL B 354 32.34 -22.90 5.91
C VAL B 354 32.63 -24.32 5.44
N GLU C 307 30.45 2.08 -8.03
CA GLU C 307 30.02 2.81 -9.21
C GLU C 307 28.51 2.60 -9.45
N LEU C 308 28.15 2.28 -10.69
CA LEU C 308 26.74 2.11 -11.03
C LEU C 308 26.34 0.65 -11.10
N GLN C 309 27.30 -0.27 -11.24
CA GLN C 309 26.97 -1.68 -11.28
C GLN C 309 26.45 -2.15 -9.92
N LYS C 310 27.03 -1.64 -8.84
CA LYS C 310 26.52 -1.95 -7.51
C LYS C 310 25.08 -1.45 -7.35
N GLN C 311 24.78 -0.28 -7.90
CA GLN C 311 23.42 0.25 -7.81
C GLN C 311 22.45 -0.55 -8.67
N ILE C 312 22.90 -1.06 -9.81
CA ILE C 312 22.03 -1.89 -10.64
C ILE C 312 21.75 -3.21 -9.93
N THR C 313 22.76 -3.80 -9.30
CA THR C 313 22.53 -5.00 -8.50
C THR C 313 21.58 -4.71 -7.34
N LYS C 314 21.72 -3.53 -6.72
CA LYS C 314 20.82 -3.15 -5.64
C LYS C 314 19.38 -3.07 -6.12
N ILE C 315 19.15 -2.43 -7.26
CA ILE C 315 17.78 -2.29 -7.75
C ILE C 315 17.26 -3.63 -8.26
N GLN C 316 18.16 -4.55 -8.61
CA GLN C 316 17.73 -5.89 -8.95
C GLN C 316 17.47 -6.76 -7.72
N ASN C 317 17.93 -6.32 -6.55
CA ASN C 317 17.65 -7.05 -5.32
C ASN C 317 16.19 -6.94 -4.89
N PHE C 318 15.40 -6.10 -5.54
CA PHE C 318 14.00 -5.90 -5.17
C PHE C 318 13.11 -6.90 -5.89
N ARG C 319 12.07 -7.33 -5.20
CA ARG C 319 11.10 -8.28 -5.72
C ARG C 319 9.82 -7.56 -6.13
N VAL C 320 9.15 -8.11 -7.14
CA VAL C 320 7.93 -7.53 -7.69
C VAL C 320 6.86 -8.61 -7.77
N TYR C 321 5.70 -8.34 -7.20
CA TYR C 321 4.53 -9.19 -7.36
C TYR C 321 3.58 -8.47 -8.31
N TYR C 322 3.42 -9.02 -9.50
CA TYR C 322 2.67 -8.37 -10.56
C TYR C 322 1.44 -9.19 -10.94
N ARG C 323 0.68 -8.66 -11.88
CA ARG C 323 -0.50 -9.33 -12.40
C ARG C 323 -0.65 -9.01 -13.87
N ASP C 324 -1.21 -9.97 -14.61
CA ASP C 324 -1.50 -9.76 -16.02
C ASP C 324 -2.89 -9.17 -16.18
N SER C 325 -3.21 -8.76 -17.42
CA SER C 325 -4.40 -7.97 -17.66
C SER C 325 -5.68 -8.76 -17.40
N ARG C 326 -5.66 -10.07 -17.55
CA ARG C 326 -6.87 -10.87 -17.37
C ARG C 326 -6.67 -12.09 -16.47
N ASP C 327 -5.57 -12.16 -15.74
CA ASP C 327 -5.39 -13.22 -14.75
C ASP C 327 -5.51 -12.61 -13.36
N PRO C 328 -6.49 -13.03 -12.55
CA PRO C 328 -6.74 -12.36 -11.27
C PRO C 328 -5.81 -12.77 -10.13
N VAL C 329 -4.86 -13.67 -10.37
CA VAL C 329 -3.98 -14.15 -9.31
C VAL C 329 -2.62 -13.45 -9.43
N TRP C 330 -1.99 -13.20 -8.30
CA TRP C 330 -0.74 -12.45 -8.26
C TRP C 330 0.43 -13.37 -8.60
N LYS C 331 1.16 -13.02 -9.66
CA LYS C 331 2.32 -13.79 -10.05
C LYS C 331 3.44 -13.65 -9.02
N GLY C 332 4.41 -14.57 -9.11
CA GLY C 332 5.45 -14.68 -8.12
C GLY C 332 6.39 -13.50 -8.07
N PRO C 333 7.40 -13.60 -7.21
CA PRO C 333 8.33 -12.48 -7.01
C PRO C 333 9.37 -12.35 -8.12
N ALA C 334 9.00 -11.67 -9.20
CA ALA C 334 9.96 -11.39 -10.27
C ALA C 334 11.04 -10.44 -9.77
N LYS C 335 12.12 -10.36 -10.53
CA LYS C 335 13.26 -9.50 -10.20
C LYS C 335 13.09 -8.16 -10.91
N LEU C 336 13.17 -7.08 -10.16
CA LEU C 336 12.97 -5.74 -10.71
C LEU C 336 14.21 -5.29 -11.47
N LEU C 337 14.08 -5.06 -12.77
CA LEU C 337 15.20 -4.57 -13.54
C LEU C 337 15.19 -3.05 -13.69
N TRP C 338 14.00 -2.46 -13.82
CA TRP C 338 13.87 -1.04 -14.06
C TRP C 338 12.51 -0.59 -13.54
N LYS C 339 12.49 0.59 -12.91
CA LYS C 339 11.26 1.14 -12.35
C LYS C 339 11.04 2.52 -12.94
N GLY C 340 9.99 2.67 -13.74
CA GLY C 340 9.63 3.94 -14.32
C GLY C 340 8.40 4.54 -13.66
N GLU C 341 8.00 5.70 -14.17
CA GLU C 341 6.85 6.39 -13.62
C GLU C 341 5.53 5.71 -14.00
N GLY C 342 5.50 4.99 -15.11
CA GLY C 342 4.27 4.36 -15.55
C GLY C 342 4.40 2.87 -15.82
N ALA C 343 5.64 2.41 -15.99
CA ALA C 343 5.91 1.02 -16.28
C ALA C 343 7.01 0.48 -15.37
N VAL C 344 7.13 -0.84 -15.33
CA VAL C 344 8.09 -1.53 -14.48
C VAL C 344 8.58 -2.74 -15.27
N VAL C 345 9.88 -2.81 -15.50
CA VAL C 345 10.48 -3.93 -16.21
C VAL C 345 10.87 -4.99 -15.19
N ILE C 346 10.39 -6.21 -15.38
CA ILE C 346 10.65 -7.31 -14.48
C ILE C 346 11.25 -8.47 -15.25
N GLN C 347 11.88 -9.37 -14.51
CA GLN C 347 12.37 -10.64 -15.04
C GLN C 347 11.72 -11.74 -14.20
N ASP C 348 10.81 -12.48 -14.82
CA ASP C 348 10.10 -13.58 -14.17
C ASP C 348 10.28 -14.84 -15.01
N ASN C 349 10.88 -15.87 -14.41
CA ASN C 349 11.12 -17.14 -15.08
C ASN C 349 11.85 -16.92 -16.41
N SER C 350 12.93 -16.15 -16.35
CA SER C 350 13.76 -15.82 -17.51
C SER C 350 12.98 -15.13 -18.61
N ASP C 351 11.87 -14.47 -18.25
CA ASP C 351 11.06 -13.71 -19.20
C ASP C 351 11.09 -12.24 -18.79
N ILE C 352 11.48 -11.38 -19.71
CA ILE C 352 11.51 -9.94 -19.45
C ILE C 352 10.15 -9.36 -19.81
N LYS C 353 9.43 -8.88 -18.81
CA LYS C 353 8.09 -8.32 -18.98
C LYS C 353 8.11 -6.84 -18.67
N VAL C 354 7.15 -6.11 -19.26
CA VAL C 354 6.91 -4.71 -18.96
C VAL C 354 5.51 -4.63 -18.37
N VAL C 355 5.42 -4.51 -17.06
CA VAL C 355 4.15 -4.49 -16.35
C VAL C 355 3.77 -3.04 -16.07
N PRO C 356 2.50 -2.65 -16.24
CA PRO C 356 2.09 -1.30 -15.83
C PRO C 356 2.36 -1.07 -14.36
N ARG C 357 2.57 0.20 -14.01
CA ARG C 357 2.88 0.53 -12.61
C ARG C 357 1.71 0.19 -11.69
N ARG C 358 0.49 0.33 -12.18
CA ARG C 358 -0.70 0.04 -11.39
C ARG C 358 -0.93 -1.44 -11.15
N LYS C 359 -0.08 -2.30 -11.72
CA LYS C 359 -0.28 -3.74 -11.64
C LYS C 359 0.81 -4.44 -10.84
N ALA C 360 1.67 -3.70 -10.15
CA ALA C 360 2.84 -4.27 -9.51
C ALA C 360 2.95 -3.77 -8.07
N LYS C 361 3.28 -4.69 -7.17
CA LYS C 361 3.66 -4.38 -5.80
C LYS C 361 5.14 -4.70 -5.65
N ILE C 362 5.97 -3.68 -5.56
CA ILE C 362 7.41 -3.85 -5.45
C ILE C 362 7.80 -3.76 -3.99
N ILE C 363 8.39 -4.83 -3.46
CA ILE C 363 8.86 -4.86 -2.09
C ILE C 363 10.26 -5.46 -2.07
N ARG C 364 11.02 -5.07 -1.06
CA ARG C 364 12.27 -5.72 -0.70
C ARG C 364 11.92 -6.61 0.48
N ASP C 365 11.59 -7.87 0.19
CA ASP C 365 11.12 -8.78 1.22
C ASP C 365 12.16 -8.90 2.32
N TYR C 366 11.86 -8.37 3.50
CA TYR C 366 12.81 -8.34 4.61
C TYR C 366 13.03 -9.71 5.21
N GLY C 367 12.48 -10.76 4.61
CA GLY C 367 12.99 -12.10 4.78
C GLY C 367 14.26 -12.35 4.00
N LYS C 368 14.87 -11.30 3.45
CA LYS C 368 16.20 -11.36 2.87
C LYS C 368 17.29 -11.41 3.92
N GLN C 369 16.93 -11.39 5.19
CA GLN C 369 17.89 -11.53 6.28
C GLN C 369 18.32 -12.96 6.49
N MET C 370 17.94 -13.86 5.59
CA MET C 370 18.38 -15.25 5.62
C MET C 370 19.43 -15.56 4.58
N ALA C 371 19.40 -14.89 3.43
CA ALA C 371 20.34 -15.15 2.35
C ALA C 371 20.37 -13.97 1.38
N ASN D 317 -16.83 0.31 -35.95
CA ASN D 317 -18.11 0.64 -35.33
C ASN D 317 -18.62 -0.52 -34.51
N PHE D 318 -19.11 -0.22 -33.30
CA PHE D 318 -19.58 -1.24 -32.38
C PHE D 318 -20.94 -0.85 -31.82
N ARG D 319 -21.67 -1.87 -31.36
CA ARG D 319 -22.90 -1.68 -30.59
C ARG D 319 -22.64 -2.16 -29.18
N VAL D 320 -23.15 -1.42 -28.19
CA VAL D 320 -22.96 -1.79 -26.79
C VAL D 320 -24.32 -1.85 -26.12
N TYR D 321 -24.60 -2.96 -25.45
CA TYR D 321 -25.80 -3.13 -24.65
C TYR D 321 -25.37 -3.25 -23.19
N TYR D 322 -25.88 -2.36 -22.34
CA TYR D 322 -25.32 -2.18 -21.01
C TYR D 322 -26.41 -2.24 -19.95
N ARG D 323 -25.96 -2.23 -18.70
CA ARG D 323 -26.81 -2.24 -17.52
C ARG D 323 -26.35 -1.09 -16.64
N ASP D 324 -27.23 -0.14 -16.34
CA ASP D 324 -26.79 1.21 -15.98
C ASP D 324 -26.56 1.40 -14.48
N SER D 325 -27.64 1.33 -13.69
CA SER D 325 -27.51 1.67 -12.27
C SER D 325 -28.68 1.04 -11.52
N ARG D 326 -28.41 -0.07 -10.83
CA ARG D 326 -29.39 -0.74 -9.99
C ARG D 326 -30.66 -1.08 -10.77
N ASP D 327 -30.57 -1.05 -12.09
CA ASP D 327 -31.71 -1.29 -12.95
C ASP D 327 -31.52 -2.62 -13.67
N PRO D 328 -32.34 -3.63 -13.39
CA PRO D 328 -32.11 -4.94 -14.02
C PRO D 328 -32.28 -4.93 -15.53
N VAL D 329 -33.00 -3.97 -16.10
CA VAL D 329 -33.21 -3.95 -17.54
C VAL D 329 -31.92 -3.55 -18.24
N TRP D 330 -31.74 -4.08 -19.45
CA TRP D 330 -30.60 -3.76 -20.28
C TRP D 330 -31.00 -2.75 -21.33
N LYS D 331 -30.12 -1.80 -21.60
CA LYS D 331 -30.37 -0.74 -22.57
C LYS D 331 -29.37 -0.87 -23.72
N GLY D 332 -29.65 -0.15 -24.80
CA GLY D 332 -28.82 -0.22 -25.98
C GLY D 332 -29.63 -0.16 -27.25
N PRO D 333 -28.94 -0.09 -28.40
CA PRO D 333 -27.48 -0.09 -28.49
C PRO D 333 -26.87 1.29 -28.26
N ALA D 334 -25.59 1.32 -27.92
CA ALA D 334 -24.87 2.56 -27.67
C ALA D 334 -23.52 2.51 -28.37
N LYS D 335 -23.06 3.67 -28.82
CA LYS D 335 -21.79 3.74 -29.53
C LYS D 335 -20.64 3.58 -28.55
N LEU D 336 -19.66 2.76 -28.91
CA LEU D 336 -18.51 2.52 -28.05
C LEU D 336 -17.49 3.63 -28.29
N LEU D 337 -17.29 4.47 -27.27
CA LEU D 337 -16.33 5.57 -27.37
C LEU D 337 -14.94 5.16 -26.93
N TRP D 338 -14.84 4.28 -25.94
CA TRP D 338 -13.54 3.87 -25.43
C TRP D 338 -13.68 2.51 -24.77
N LYS D 339 -12.71 1.63 -25.03
CA LYS D 339 -12.70 0.31 -24.40
C LYS D 339 -11.36 0.15 -23.68
N GLY D 340 -11.41 0.17 -22.35
CA GLY D 340 -10.29 -0.22 -21.53
C GLY D 340 -10.53 -1.60 -20.95
N GLU D 341 -9.52 -2.10 -20.26
CA GLU D 341 -9.68 -3.37 -19.55
C GLU D 341 -10.44 -3.12 -18.26
N GLY D 342 -11.60 -3.75 -18.12
CA GLY D 342 -12.39 -3.57 -16.92
C GLY D 342 -13.65 -2.73 -17.11
N ALA D 343 -13.56 -1.67 -17.91
CA ALA D 343 -14.71 -0.80 -18.13
C ALA D 343 -14.64 -0.20 -19.52
N VAL D 344 -15.79 0.32 -19.97
CA VAL D 344 -15.93 0.96 -21.27
C VAL D 344 -16.66 2.27 -21.09
N VAL D 345 -16.42 3.19 -22.03
CA VAL D 345 -17.12 4.47 -22.11
C VAL D 345 -17.93 4.45 -23.38
N ILE D 346 -19.26 4.65 -23.25
CA ILE D 346 -20.18 4.56 -24.36
C ILE D 346 -21.01 5.83 -24.42
N GLN D 347 -21.69 6.02 -25.55
CA GLN D 347 -22.54 7.17 -25.78
C GLN D 347 -23.92 6.68 -26.20
N ASP D 348 -24.91 6.86 -25.34
CA ASP D 348 -26.28 6.43 -25.59
C ASP D 348 -27.19 7.66 -25.55
N ASN D 349 -27.84 7.95 -26.67
CA ASN D 349 -28.85 9.00 -26.77
C ASN D 349 -28.32 10.33 -26.24
N SER D 350 -27.17 10.73 -26.76
CA SER D 350 -26.51 11.99 -26.41
C SER D 350 -26.15 12.08 -24.93
N ASP D 351 -26.01 10.94 -24.26
CA ASP D 351 -25.53 10.90 -22.87
C ASP D 351 -24.36 9.94 -22.80
N ILE D 352 -23.23 10.41 -22.29
CA ILE D 352 -22.02 9.59 -22.19
C ILE D 352 -22.03 8.89 -20.84
N LYS D 353 -21.87 7.57 -20.87
CA LYS D 353 -21.88 6.76 -19.66
C LYS D 353 -20.62 5.92 -19.61
N VAL D 354 -20.25 5.51 -18.40
CA VAL D 354 -19.10 4.64 -18.19
C VAL D 354 -19.60 3.40 -17.47
N VAL D 355 -19.45 2.25 -18.10
CA VAL D 355 -20.04 1.00 -17.62
C VAL D 355 -18.96 -0.05 -17.49
N PRO D 356 -18.92 -0.82 -16.40
CA PRO D 356 -17.94 -1.92 -16.33
C PRO D 356 -18.21 -2.95 -17.43
N ARG D 357 -17.16 -3.66 -17.81
CA ARG D 357 -17.29 -4.66 -18.86
C ARG D 357 -18.08 -5.87 -18.41
N ARG D 358 -18.36 -6.00 -17.11
CA ARG D 358 -19.26 -7.06 -16.66
C ARG D 358 -20.71 -6.70 -16.95
N LYS D 359 -21.02 -5.41 -17.03
CA LYS D 359 -22.37 -4.93 -17.27
C LYS D 359 -22.53 -4.37 -18.67
N ALA D 360 -21.77 -4.89 -19.63
CA ALA D 360 -21.84 -4.42 -21.00
C ALA D 360 -21.45 -5.54 -21.95
N LYS D 361 -22.14 -5.60 -23.08
CA LYS D 361 -21.83 -6.52 -24.16
C LYS D 361 -21.58 -5.72 -25.43
N ILE D 362 -20.50 -6.04 -26.12
CA ILE D 362 -20.06 -5.31 -27.30
C ILE D 362 -20.16 -6.22 -28.51
N ILE D 363 -20.76 -5.72 -29.58
CA ILE D 363 -20.96 -6.50 -30.79
C ILE D 363 -19.98 -6.06 -31.88
#